data_8XU3
#
_entry.id   8XU3
#
_cell.length_a   77.957
_cell.length_b   77.957
_cell.length_c   140.570
_cell.angle_alpha   90.00
_cell.angle_beta   90.00
_cell.angle_gamma   90.00
#
_symmetry.space_group_name_H-M   'P 43 21 2'
#
loop_
_entity.id
_entity.type
_entity.pdbx_description
1 polymer Sulfotransferase
2 non-polymer P-NITROPHENOL
3 non-polymer "ADENOSINE-3'-5'-DIPHOSPHATE"
4 water water
#
_entity_poly.entity_id   1
_entity_poly.type   'polypeptide(L)'
_entity_poly.pdbx_seq_one_letter_code
;MATVDRYLRQPWSVVHGIPMVCAFAPNWERVDNFQSRPEDIVVATFPKSGTTWVSEIVDMILQGGDPEKCKRDAIVNRVP
MLEFAAPGEMPTGSEVLATMPSPRVVKSHLPAHILPKSFWDNGCKIIYVGRNAKDVAVSFYHFDLMNKFEQHPGTWDQYL
EAFMAGKVAYGSWFDHVRGYWERRQEHPILYLFYEDMKEDLRREITKVAQFLGQELTEVALDAIAHHTSFEAMRDNPSTN
YSTVPSHLMDHGVSPFMRKGITGDWKNHFTVAQNAHFDQYYAQKMAGTDLRFRTEI
;
_entity_poly.pdbx_strand_id   A
#
# COMPACT_ATOMS: atom_id res chain seq x y z
N ALA A 2 4.09 -24.43 -7.23
CA ALA A 2 4.96 -25.54 -6.84
C ALA A 2 6.33 -25.05 -6.41
N THR A 3 7.06 -24.42 -7.34
CA THR A 3 8.39 -23.92 -7.01
C THR A 3 8.34 -22.78 -5.99
N VAL A 4 7.28 -21.95 -6.02
CA VAL A 4 7.21 -20.85 -5.07
C VAL A 4 6.85 -21.33 -3.66
N ASP A 5 6.29 -22.53 -3.53
CA ASP A 5 5.72 -22.94 -2.24
C ASP A 5 6.72 -22.84 -1.09
N ARG A 6 8.00 -23.12 -1.36
CA ARG A 6 8.96 -23.13 -0.28
C ARG A 6 9.20 -21.74 0.30
N TYR A 7 8.81 -20.69 -0.43
CA TYR A 7 8.92 -19.32 0.07
C TYR A 7 7.70 -18.87 0.84
N LEU A 8 6.57 -19.54 0.67
CA LEU A 8 5.32 -19.12 1.29
C LEU A 8 5.30 -19.47 2.77
N ARG A 9 4.65 -18.59 3.56
CA ARG A 9 4.44 -18.82 4.99
C ARG A 9 5.77 -19.09 5.69
N GLN A 10 6.83 -18.39 5.26
CA GLN A 10 8.11 -18.44 5.95
C GLN A 10 8.32 -17.16 6.75
N PRO A 11 9.09 -17.22 7.83
CA PRO A 11 9.45 -15.98 8.55
C PRO A 11 10.07 -14.95 7.62
N TRP A 12 9.92 -13.67 7.99
CA TRP A 12 10.47 -12.58 7.21
C TRP A 12 11.96 -12.77 6.96
N SER A 13 12.41 -12.41 5.76
CA SER A 13 13.81 -12.19 5.51
C SER A 13 14.14 -10.76 5.94
N VAL A 14 15.34 -10.28 5.63
CA VAL A 14 15.67 -8.89 5.93
C VAL A 14 16.49 -8.32 4.78
N VAL A 15 16.15 -7.10 4.37
CA VAL A 15 16.90 -6.41 3.31
C VAL A 15 17.21 -5.00 3.82
N HIS A 16 18.48 -4.63 3.80
CA HIS A 16 18.93 -3.33 4.31
C HIS A 16 18.33 -3.00 5.68
N GLY A 17 18.30 -4.00 6.57
CA GLY A 17 17.81 -3.79 7.92
C GLY A 17 16.30 -3.78 8.10
N ILE A 18 15.54 -4.01 7.03
CA ILE A 18 14.07 -3.94 7.05
C ILE A 18 13.52 -5.35 6.88
N PRO A 19 12.60 -5.80 7.73
CA PRO A 19 11.96 -7.12 7.49
C PRO A 19 11.28 -7.15 6.13
N MET A 20 11.41 -8.29 5.42
CA MET A 20 10.92 -8.39 4.05
C MET A 20 10.18 -9.71 3.84
N VAL A 21 9.13 -9.66 3.02
CA VAL A 21 8.44 -10.88 2.57
C VAL A 21 9.48 -11.87 2.04
N CYS A 22 9.36 -13.13 2.47
CA CYS A 22 10.38 -14.13 2.16
C CYS A 22 10.58 -14.26 0.65
N ALA A 23 9.48 -14.37 -0.11
CA ALA A 23 9.61 -14.57 -1.56
C ALA A 23 10.23 -13.37 -2.26
N PHE A 24 10.10 -12.17 -1.68
CA PHE A 24 10.56 -10.93 -2.34
C PHE A 24 12.05 -10.68 -2.14
N ALA A 25 12.65 -11.26 -1.12
CA ALA A 25 14.00 -10.89 -0.71
C ALA A 25 15.13 -11.41 -1.61
N PRO A 26 15.06 -12.62 -2.17
CA PRO A 26 16.14 -13.06 -3.08
C PRO A 26 16.32 -12.14 -4.27
N ASN A 27 17.57 -11.99 -4.72
CA ASN A 27 17.88 -11.11 -5.89
C ASN A 27 17.37 -9.69 -5.62
N TRP A 28 17.75 -9.12 -4.48
CA TRP A 28 17.32 -7.74 -4.11
C TRP A 28 17.91 -6.71 -5.07
N GLU A 29 19.00 -7.05 -5.76
CA GLU A 29 19.67 -6.06 -6.63
C GLU A 29 18.65 -5.61 -7.68
N ARG A 30 17.81 -6.52 -8.19
CA ARG A 30 16.73 -6.10 -9.12
C ARG A 30 15.99 -4.87 -8.56
N VAL A 31 15.93 -4.72 -7.23
CA VAL A 31 15.25 -3.57 -6.64
C VAL A 31 16.22 -2.42 -6.49
N ASP A 32 17.36 -2.66 -5.83
CA ASP A 32 18.36 -1.62 -5.60
C ASP A 32 18.74 -0.93 -6.91
N ASN A 33 18.86 -1.70 -7.99
CA ASN A 33 19.27 -1.18 -9.29
C ASN A 33 18.10 -0.93 -10.23
N PHE A 34 16.88 -0.80 -9.72
CA PHE A 34 15.73 -0.63 -10.60
C PHE A 34 15.89 0.62 -11.43
N GLN A 35 15.56 0.51 -12.71
CA GLN A 35 15.72 1.60 -13.67
C GLN A 35 14.40 2.34 -13.80
N SER A 36 14.30 3.51 -13.17
CA SER A 36 13.08 4.30 -13.22
C SER A 36 13.13 5.29 -14.38
N ARG A 37 11.99 5.91 -14.66
CA ARG A 37 11.86 6.98 -15.65
C ARG A 37 11.32 8.25 -14.97
N PRO A 38 11.72 9.43 -15.42
CA PRO A 38 11.18 10.66 -14.80
C PRO A 38 9.66 10.74 -14.78
N GLU A 39 8.97 10.11 -15.74
CA GLU A 39 7.52 10.15 -15.80
C GLU A 39 6.84 9.12 -14.89
N ASP A 40 7.61 8.23 -14.26
CA ASP A 40 7.01 7.23 -13.37
C ASP A 40 6.21 7.90 -12.26
N ILE A 41 5.08 7.30 -11.89
CA ILE A 41 4.28 7.71 -10.74
C ILE A 41 4.35 6.58 -9.72
N VAL A 42 4.87 6.87 -8.53
CA VAL A 42 5.00 5.88 -7.47
C VAL A 42 3.87 6.05 -6.48
N VAL A 43 3.13 4.96 -6.22
CA VAL A 43 2.16 4.94 -5.13
C VAL A 43 2.83 4.18 -3.98
N ALA A 44 3.24 4.91 -2.95
CA ALA A 44 4.05 4.37 -1.85
C ALA A 44 3.23 4.38 -0.57
N THR A 45 3.23 3.27 0.17
CA THR A 45 2.46 3.18 1.41
C THR A 45 3.13 2.20 2.36
N PHE A 46 2.96 2.43 3.67
CA PHE A 46 3.05 1.30 4.59
C PHE A 46 1.89 0.36 4.27
N PRO A 47 2.09 -0.97 4.32
CA PRO A 47 1.02 -1.89 3.92
C PRO A 47 -0.30 -1.57 4.60
N LYS A 48 -1.40 -1.71 3.84
CA LYS A 48 -2.79 -1.69 4.31
C LYS A 48 -3.28 -0.26 4.58
N SER A 49 -2.66 0.72 3.94
CA SER A 49 -2.98 2.12 4.18
C SER A 49 -3.74 2.76 3.04
N GLY A 50 -4.14 1.99 2.02
CA GLY A 50 -4.89 2.57 0.91
C GLY A 50 -4.19 2.50 -0.43
N THR A 51 -3.25 1.55 -0.56
CA THR A 51 -2.50 1.38 -1.81
C THR A 51 -3.42 1.12 -3.00
N THR A 52 -4.29 0.12 -2.85
CA THR A 52 -5.19 -0.26 -3.94
C THR A 52 -6.15 0.88 -4.26
N TRP A 53 -6.73 1.50 -3.23
CA TRP A 53 -7.65 2.60 -3.40
C TRP A 53 -7.05 3.71 -4.26
N VAL A 54 -5.86 4.18 -3.87
CA VAL A 54 -5.23 5.29 -4.60
C VAL A 54 -4.71 4.84 -5.96
N SER A 55 -4.21 3.60 -6.07
CA SER A 55 -3.81 3.09 -7.37
C SER A 55 -4.97 3.11 -8.39
N GLU A 56 -6.16 2.70 -7.96
CA GLU A 56 -7.31 2.74 -8.85
C GLU A 56 -7.70 4.17 -9.21
N ILE A 57 -7.64 5.09 -8.24
CA ILE A 57 -7.87 6.51 -8.52
C ILE A 57 -6.90 7.02 -9.58
N VAL A 58 -5.60 6.75 -9.39
CA VAL A 58 -4.59 7.22 -10.33
C VAL A 58 -4.86 6.67 -11.73
N ASP A 59 -5.08 5.37 -11.83
CA ASP A 59 -5.32 4.77 -13.15
C ASP A 59 -6.58 5.33 -13.79
N MET A 60 -7.63 5.55 -13.00
CA MET A 60 -8.85 6.18 -13.50
C MET A 60 -8.57 7.58 -14.03
N ILE A 61 -7.77 8.35 -13.29
CA ILE A 61 -7.43 9.71 -13.74
C ILE A 61 -6.67 9.66 -15.05
N LEU A 62 -5.70 8.74 -15.17
CA LEU A 62 -4.91 8.63 -16.39
C LEU A 62 -5.75 8.14 -17.56
N GLN A 63 -6.89 7.49 -17.30
CA GLN A 63 -7.78 7.05 -18.35
C GLN A 63 -8.90 8.04 -18.61
N GLY A 64 -8.78 9.27 -18.11
CA GLY A 64 -9.79 10.28 -18.32
C GLY A 64 -11.11 10.03 -17.61
N GLY A 65 -11.10 9.17 -16.59
CA GLY A 65 -12.31 8.91 -15.85
C GLY A 65 -13.23 7.89 -16.49
N ASP A 66 -12.75 7.11 -17.45
CA ASP A 66 -13.57 6.08 -18.07
C ASP A 66 -13.30 4.73 -17.40
N PRO A 67 -14.27 4.15 -16.69
CA PRO A 67 -13.99 2.90 -15.98
C PRO A 67 -13.76 1.70 -16.88
N GLU A 68 -14.17 1.74 -18.15
CA GLU A 68 -13.98 0.58 -19.01
C GLU A 68 -12.51 0.29 -19.24
N LYS A 69 -11.68 1.33 -19.38
CA LYS A 69 -10.26 1.09 -19.54
C LYS A 69 -9.62 0.54 -18.27
N CYS A 70 -10.29 0.66 -17.12
CA CYS A 70 -9.75 0.09 -15.89
C CYS A 70 -10.26 -1.32 -15.64
N LYS A 71 -11.24 -1.79 -16.41
CA LYS A 71 -11.77 -3.14 -16.30
C LYS A 71 -11.09 -4.12 -17.25
N ARG A 72 -10.13 -3.68 -18.06
CA ARG A 72 -9.51 -4.59 -19.02
C ARG A 72 -8.51 -5.55 -18.38
N ASP A 73 -8.00 -5.22 -17.20
CA ASP A 73 -7.10 -6.11 -16.49
C ASP A 73 -7.24 -5.86 -15.00
N ALA A 74 -6.80 -6.83 -14.21
CA ALA A 74 -6.84 -6.66 -12.76
C ALA A 74 -5.81 -5.60 -12.33
N ILE A 75 -6.09 -4.95 -11.21
CA ILE A 75 -5.21 -3.89 -10.73
C ILE A 75 -3.81 -4.43 -10.42
N VAL A 76 -3.71 -5.71 -10.07
CA VAL A 76 -2.40 -6.30 -9.80
C VAL A 76 -1.52 -6.27 -11.05
N ASN A 77 -2.13 -6.29 -12.24
CA ASN A 77 -1.35 -6.14 -13.47
C ASN A 77 -1.30 -4.72 -13.99
N ARG A 78 -2.33 -3.91 -13.75
CA ARG A 78 -2.31 -2.53 -14.22
C ARG A 78 -1.30 -1.69 -13.43
N VAL A 79 -1.15 -1.98 -12.15
CA VAL A 79 -0.22 -1.25 -11.29
C VAL A 79 0.70 -2.26 -10.60
N PRO A 80 1.78 -2.66 -11.26
CA PRO A 80 2.67 -3.69 -10.70
C PRO A 80 3.33 -3.22 -9.41
N MET A 81 3.61 -4.17 -8.52
CA MET A 81 4.33 -3.87 -7.28
C MET A 81 5.82 -4.00 -7.54
N LEU A 82 6.56 -2.92 -7.29
CA LEU A 82 7.98 -2.85 -7.58
C LEU A 82 8.75 -4.06 -7.05
N GLU A 83 8.53 -4.42 -5.79
CA GLU A 83 9.37 -5.43 -5.17
C GLU A 83 8.75 -6.82 -5.20
N PHE A 84 7.60 -6.99 -5.85
CA PHE A 84 6.96 -8.30 -5.91
C PHE A 84 7.85 -9.35 -6.58
N ALA A 85 7.82 -10.56 -6.04
CA ALA A 85 8.43 -11.71 -6.71
C ALA A 85 7.72 -12.95 -6.21
N ALA A 86 7.62 -13.96 -7.07
CA ALA A 86 7.11 -15.27 -6.70
C ALA A 86 7.98 -16.28 -7.43
N PRO A 87 9.18 -16.53 -6.94
CA PRO A 87 10.18 -17.27 -7.72
C PRO A 87 9.67 -18.60 -8.23
N GLY A 88 9.75 -18.79 -9.54
CA GLY A 88 9.34 -20.02 -10.18
C GLY A 88 7.90 -20.07 -10.62
N GLU A 89 7.07 -19.09 -10.23
CA GLU A 89 5.67 -19.10 -10.58
C GLU A 89 5.22 -17.90 -11.39
N MET A 90 5.84 -16.73 -11.22
CA MET A 90 5.43 -15.51 -11.91
C MET A 90 6.66 -14.66 -12.18
N PRO A 91 6.61 -13.76 -13.17
CA PRO A 91 7.68 -12.78 -13.33
C PRO A 91 7.70 -11.81 -12.17
N THR A 92 8.87 -11.24 -11.90
CA THR A 92 8.93 -10.27 -10.82
C THR A 92 8.22 -8.97 -11.23
N GLY A 93 7.83 -8.18 -10.24
CA GLY A 93 7.27 -6.88 -10.54
C GLY A 93 8.24 -6.01 -11.35
N SER A 94 9.53 -6.09 -11.02
CA SER A 94 10.52 -5.28 -11.73
C SER A 94 10.61 -5.69 -13.20
N GLU A 95 10.53 -7.00 -13.48
CA GLU A 95 10.52 -7.46 -14.87
C GLU A 95 9.28 -7.00 -15.62
N VAL A 96 8.10 -7.10 -14.99
CA VAL A 96 6.89 -6.65 -15.66
C VAL A 96 6.96 -5.15 -15.97
N LEU A 97 7.51 -4.36 -15.04
CA LEU A 97 7.52 -2.92 -15.22
C LEU A 97 8.41 -2.51 -16.38
N ALA A 98 9.48 -3.27 -16.63
CA ALA A 98 10.40 -2.95 -17.72
C ALA A 98 9.69 -2.86 -19.07
N THR A 99 8.59 -3.58 -19.24
CA THR A 99 7.88 -3.66 -20.52
C THR A 99 6.68 -2.73 -20.60
N MET A 100 6.44 -1.95 -19.56
CA MET A 100 5.21 -1.12 -19.53
C MET A 100 5.48 0.29 -20.08
N PRO A 101 4.55 0.85 -20.88
CA PRO A 101 4.71 2.21 -21.40
C PRO A 101 4.56 3.33 -20.37
N SER A 102 5.28 4.43 -20.57
CA SER A 102 5.13 5.62 -19.70
C SER A 102 3.74 6.26 -19.96
N PRO A 103 3.04 6.83 -18.96
CA PRO A 103 3.54 6.92 -17.59
C PRO A 103 3.23 5.67 -16.77
N ARG A 104 4.28 4.99 -16.32
CA ARG A 104 4.10 3.77 -15.50
C ARG A 104 3.55 4.13 -14.11
N VAL A 105 2.65 3.30 -13.59
CA VAL A 105 2.18 3.49 -12.19
C VAL A 105 2.85 2.35 -11.40
N VAL A 106 3.63 2.70 -10.38
CA VAL A 106 4.45 1.73 -9.65
C VAL A 106 3.96 1.73 -8.20
N LYS A 107 3.56 0.56 -7.71
CA LYS A 107 3.19 0.44 -6.30
C LYS A 107 4.39 -0.10 -5.51
N SER A 108 4.60 0.42 -4.30
CA SER A 108 5.64 -0.10 -3.42
C SER A 108 5.32 0.19 -1.96
N HIS A 109 5.78 -0.71 -1.07
CA HIS A 109 5.74 -0.46 0.37
C HIS A 109 7.10 -0.17 0.97
N LEU A 110 8.13 0.01 0.15
CA LEU A 110 9.46 0.22 0.72
C LEU A 110 9.52 1.53 1.49
N PRO A 111 10.13 1.53 2.68
CA PRO A 111 10.43 2.80 3.36
C PRO A 111 11.29 3.70 2.47
N ALA A 112 11.19 5.00 2.73
CA ALA A 112 11.82 5.98 1.86
C ALA A 112 13.32 5.73 1.72
N HIS A 113 14.00 5.34 2.81
CA HIS A 113 15.45 5.21 2.74
C HIS A 113 15.91 3.96 1.99
N ILE A 114 15.02 3.05 1.60
CA ILE A 114 15.46 1.97 0.72
C ILE A 114 14.63 1.91 -0.57
N LEU A 115 13.79 2.91 -0.82
CA LEU A 115 13.23 3.04 -2.16
C LEU A 115 14.36 3.26 -3.14
N PRO A 116 14.35 2.61 -4.31
CA PRO A 116 15.52 2.64 -5.19
C PRO A 116 15.97 4.06 -5.53
N LYS A 117 17.28 4.29 -5.48
CA LYS A 117 17.86 5.63 -5.65
C LYS A 117 17.46 6.26 -6.98
N SER A 118 17.19 5.43 -8.00
CA SER A 118 16.82 5.97 -9.31
C SER A 118 15.57 6.85 -9.24
N PHE A 119 14.61 6.47 -8.38
CA PHE A 119 13.39 7.27 -8.24
C PHE A 119 13.71 8.66 -7.73
N TRP A 120 14.59 8.75 -6.72
CA TRP A 120 14.97 10.05 -6.15
C TRP A 120 15.75 10.87 -7.17
N ASP A 121 16.67 10.22 -7.90
CA ASP A 121 17.48 10.95 -8.89
C ASP A 121 16.64 11.48 -10.04
N ASN A 122 15.61 10.74 -10.45
CA ASN A 122 14.76 11.15 -11.55
C ASN A 122 13.61 12.05 -11.11
N GLY A 123 13.57 12.43 -9.83
CA GLY A 123 12.49 13.31 -9.36
C GLY A 123 11.10 12.74 -9.53
N CYS A 124 10.94 11.41 -9.49
CA CYS A 124 9.65 10.80 -9.83
C CYS A 124 8.57 11.21 -8.84
N LYS A 125 7.40 11.53 -9.38
CA LYS A 125 6.28 11.92 -8.53
C LYS A 125 5.88 10.74 -7.65
N ILE A 126 5.81 10.97 -6.34
CA ILE A 126 5.40 9.96 -5.38
C ILE A 126 4.09 10.41 -4.75
N ILE A 127 3.08 9.56 -4.79
CA ILE A 127 1.86 9.74 -4.01
C ILE A 127 1.97 8.80 -2.82
N TYR A 128 2.08 9.36 -1.62
CA TYR A 128 2.20 8.57 -0.41
C TYR A 128 0.85 8.58 0.29
N VAL A 129 0.43 7.43 0.83
CA VAL A 129 -0.80 7.38 1.60
C VAL A 129 -0.49 6.86 2.99
N GLY A 130 -0.86 7.64 4.01
CA GLY A 130 -0.75 7.23 5.40
C GLY A 130 -2.12 6.95 5.96
N ARG A 131 -2.19 6.08 6.98
CA ARG A 131 -3.43 5.69 7.63
C ARG A 131 -3.12 5.53 9.11
N ASN A 132 -4.10 5.78 9.98
CA ASN A 132 -3.78 5.71 11.40
C ASN A 132 -3.34 4.30 11.78
N ALA A 133 -2.41 4.24 12.73
CA ALA A 133 -1.66 3.00 12.97
C ALA A 133 -2.53 1.91 13.54
N LYS A 134 -3.57 2.26 14.30
CA LYS A 134 -4.43 1.24 14.89
C LYS A 134 -5.22 0.50 13.81
N ASP A 135 -5.81 1.25 12.87
CA ASP A 135 -6.52 0.61 11.78
C ASP A 135 -5.56 -0.15 10.89
N VAL A 136 -4.33 0.36 10.73
CA VAL A 136 -3.36 -0.35 9.90
C VAL A 136 -3.04 -1.70 10.52
N ALA A 137 -2.82 -1.73 11.84
CA ALA A 137 -2.47 -2.96 12.51
C ALA A 137 -3.57 -4.00 12.35
N VAL A 138 -4.82 -3.60 12.52
CA VAL A 138 -5.95 -4.52 12.33
C VAL A 138 -5.97 -5.03 10.90
N SER A 139 -5.84 -4.13 9.91
CA SER A 139 -5.92 -4.55 8.52
C SER A 139 -4.78 -5.50 8.16
N PHE A 140 -3.58 -5.23 8.69
CA PHE A 140 -2.40 -6.03 8.36
C PHE A 140 -2.47 -7.41 9.02
N TYR A 141 -3.02 -7.47 10.24
CA TYR A 141 -3.20 -8.76 10.89
C TYR A 141 -4.10 -9.67 10.06
N HIS A 142 -5.26 -9.16 9.63
CA HIS A 142 -6.18 -9.98 8.85
C HIS A 142 -5.62 -10.30 7.48
N PHE A 143 -4.85 -9.37 6.91
CA PHE A 143 -4.19 -9.61 5.64
C PHE A 143 -3.20 -10.77 5.77
N ASP A 144 -2.43 -10.82 6.87
CA ASP A 144 -1.47 -11.90 7.07
C ASP A 144 -2.16 -13.24 7.30
N LEU A 145 -3.37 -13.23 7.87
CA LEU A 145 -4.13 -14.47 8.01
C LEU A 145 -4.47 -15.07 6.67
N MET A 146 -4.78 -14.24 5.66
CA MET A 146 -5.23 -14.76 4.36
C MET A 146 -4.12 -14.84 3.30
N ASN A 147 -3.08 -14.03 3.40
CA ASN A 147 -2.07 -13.93 2.33
C ASN A 147 -0.91 -14.87 2.63
N LYS A 148 -0.75 -15.91 1.82
CA LYS A 148 0.23 -16.96 2.14
C LYS A 148 1.68 -16.54 1.88
N PHE A 149 1.93 -15.38 1.27
CA PHE A 149 3.29 -14.87 1.25
C PHE A 149 3.79 -14.50 2.62
N GLU A 150 2.89 -14.21 3.56
CA GLU A 150 3.26 -13.68 4.86
C GLU A 150 3.58 -14.82 5.83
N GLN A 151 4.48 -14.56 6.77
CA GLN A 151 4.60 -15.44 7.92
C GLN A 151 3.28 -15.47 8.67
N HIS A 152 2.90 -16.63 9.22
CA HIS A 152 1.62 -16.66 9.90
C HIS A 152 1.66 -15.76 11.15
N PRO A 153 0.63 -14.95 11.40
CA PRO A 153 0.73 -13.96 12.49
C PRO A 153 0.45 -14.48 13.88
N GLY A 154 0.02 -15.73 14.04
CA GLY A 154 -0.30 -16.15 15.40
C GLY A 154 -1.53 -15.42 15.92
N THR A 155 -1.57 -15.18 17.24
CA THR A 155 -2.71 -14.50 17.82
C THR A 155 -2.59 -13.00 17.62
N TRP A 156 -3.75 -12.33 17.66
CA TRP A 156 -3.78 -10.86 17.52
C TRP A 156 -2.89 -10.18 18.55
N ASP A 157 -2.94 -10.60 19.83
CA ASP A 157 -2.13 -9.90 20.82
C ASP A 157 -0.64 -9.99 20.51
N GLN A 158 -0.18 -11.16 20.08
CA GLN A 158 1.25 -11.30 19.76
C GLN A 158 1.61 -10.54 18.49
N TYR A 159 0.71 -10.56 17.49
CA TYR A 159 0.92 -9.76 16.30
C TYR A 159 1.04 -8.28 16.63
N LEU A 160 0.13 -7.77 17.49
CA LEU A 160 0.18 -6.36 17.85
C LEU A 160 1.52 -6.01 18.49
N GLU A 161 2.06 -6.89 19.34
CA GLU A 161 3.37 -6.61 19.91
C GLU A 161 4.44 -6.51 18.83
N ALA A 162 4.39 -7.41 17.84
CA ALA A 162 5.37 -7.36 16.76
C ALA A 162 5.19 -6.10 15.93
N PHE A 163 3.94 -5.74 15.63
CA PHE A 163 3.65 -4.51 14.89
C PHE A 163 4.22 -3.28 15.60
N MET A 164 3.92 -3.13 16.89
CA MET A 164 4.43 -1.96 17.62
C MET A 164 5.94 -1.90 17.64
N ALA A 165 6.59 -3.07 17.69
CA ALA A 165 8.05 -3.09 17.72
C ALA A 165 8.67 -2.99 16.34
N GLY A 166 7.87 -2.86 15.28
CA GLY A 166 8.43 -2.76 13.93
C GLY A 166 9.03 -4.04 13.38
N LYS A 167 8.57 -5.21 13.84
CA LYS A 167 9.11 -6.47 13.38
C LYS A 167 8.39 -7.02 12.15
N VAL A 168 7.23 -6.49 11.81
CA VAL A 168 6.42 -7.01 10.72
C VAL A 168 7.10 -6.66 9.40
N ALA A 169 6.62 -7.26 8.31
CA ALA A 169 7.16 -6.98 6.99
C ALA A 169 7.07 -5.48 6.71
N TYR A 170 8.18 -4.93 6.22
CA TYR A 170 8.41 -3.53 5.86
C TYR A 170 8.70 -2.67 7.07
N GLY A 171 8.77 -3.23 8.27
CA GLY A 171 9.36 -2.56 9.40
C GLY A 171 8.42 -1.68 10.21
N SER A 172 8.99 -0.64 10.80
CA SER A 172 8.28 0.22 11.74
C SER A 172 7.33 1.14 10.99
N TRP A 173 6.05 1.09 11.34
CA TRP A 173 5.10 2.05 10.79
C TRP A 173 5.52 3.48 11.12
N PHE A 174 5.99 3.73 12.34
CA PHE A 174 6.41 5.08 12.73
C PHE A 174 7.49 5.60 11.80
N ASP A 175 8.53 4.81 11.57
CA ASP A 175 9.61 5.26 10.71
C ASP A 175 9.10 5.47 9.29
N HIS A 176 8.21 4.60 8.82
CA HIS A 176 7.72 4.64 7.44
C HIS A 176 6.99 5.96 7.18
N VAL A 177 5.99 6.27 8.01
CA VAL A 177 5.15 7.44 7.73
C VAL A 177 5.96 8.71 7.94
N ARG A 178 6.84 8.74 8.94
CA ARG A 178 7.63 9.94 9.17
C ARG A 178 8.70 10.12 8.10
N GLY A 179 9.27 9.02 7.58
CA GLY A 179 10.30 9.14 6.56
C GLY A 179 9.80 9.85 5.31
N TYR A 180 8.63 9.45 4.80
CA TYR A 180 8.13 10.10 3.59
C TYR A 180 7.58 11.50 3.89
N TRP A 181 7.08 11.75 5.10
CA TRP A 181 6.67 13.09 5.48
C TRP A 181 7.86 14.06 5.42
N GLU A 182 9.02 13.61 5.91
CA GLU A 182 10.21 14.48 5.91
C GLU A 182 10.82 14.59 4.53
N ARG A 183 10.78 13.51 3.75
CA ARG A 183 11.44 13.48 2.45
C ARG A 183 10.79 14.44 1.43
N ARG A 184 9.56 14.89 1.68
CA ARG A 184 8.89 15.84 0.76
C ARG A 184 9.72 17.13 0.65
N GLN A 185 10.64 17.35 1.60
CA GLN A 185 11.48 18.57 1.60
C GLN A 185 12.34 18.59 0.34
N GLU A 186 12.84 17.43 -0.09
CA GLU A 186 13.77 17.40 -1.25
C GLU A 186 13.19 16.63 -2.43
N HIS A 187 11.87 16.44 -2.48
CA HIS A 187 11.35 15.61 -3.56
C HIS A 187 9.87 15.89 -3.75
N PRO A 188 9.36 15.81 -4.99
CA PRO A 188 7.92 15.95 -5.21
C PRO A 188 7.09 14.79 -4.67
N ILE A 189 6.41 15.03 -3.56
CA ILE A 189 5.60 14.04 -2.87
C ILE A 189 4.24 14.66 -2.55
N LEU A 190 3.16 13.96 -2.90
CA LEU A 190 1.81 14.29 -2.45
C LEU A 190 1.47 13.34 -1.31
N TYR A 191 1.33 13.86 -0.10
CA TYR A 191 1.15 13.01 1.09
C TYR A 191 -0.32 13.02 1.48
N LEU A 192 -1.00 11.89 1.23
CA LEU A 192 -2.43 11.73 1.45
C LEU A 192 -2.69 10.96 2.73
N PHE A 193 -3.91 11.11 3.25
CA PHE A 193 -4.36 10.41 4.45
C PHE A 193 -5.61 9.60 4.12
N TYR A 194 -5.56 8.30 4.41
CA TYR A 194 -6.74 7.44 4.23
C TYR A 194 -7.99 8.04 4.84
N GLU A 195 -7.88 8.62 6.03
CA GLU A 195 -9.04 9.15 6.73
C GLU A 195 -9.62 10.35 6.00
N ASP A 196 -8.77 11.15 5.35
CA ASP A 196 -9.26 12.25 4.53
C ASP A 196 -10.07 11.73 3.35
N MET A 197 -9.64 10.60 2.78
CA MET A 197 -10.33 10.01 1.65
C MET A 197 -11.68 9.42 2.05
N LYS A 198 -11.77 8.86 3.27
CA LYS A 198 -13.07 8.43 3.77
C LYS A 198 -13.99 9.62 4.01
N GLU A 199 -13.43 10.73 4.50
CA GLU A 199 -14.22 11.91 4.83
C GLU A 199 -14.77 12.60 3.58
N ASP A 200 -13.95 12.75 2.54
CA ASP A 200 -14.36 13.50 1.34
C ASP A 200 -13.53 13.00 0.16
N LEU A 201 -14.02 11.94 -0.48
CA LEU A 201 -13.27 11.28 -1.54
C LEU A 201 -13.03 12.21 -2.73
N ARG A 202 -14.05 13.00 -3.11
CA ARG A 202 -13.89 13.87 -4.28
C ARG A 202 -12.81 14.92 -4.05
N ARG A 203 -12.72 15.43 -2.82
CA ARG A 203 -11.68 16.39 -2.47
C ARG A 203 -10.28 15.80 -2.69
N GLU A 204 -10.10 14.53 -2.33
CA GLU A 204 -8.78 13.92 -2.47
C GLU A 204 -8.49 13.52 -3.92
N ILE A 205 -9.51 13.07 -4.66
CA ILE A 205 -9.32 12.79 -6.08
C ILE A 205 -8.86 14.05 -6.78
N THR A 206 -9.44 15.19 -6.43
CA THR A 206 -9.09 16.45 -7.07
C THR A 206 -7.62 16.78 -6.82
N LYS A 207 -7.15 16.56 -5.59
CA LYS A 207 -5.74 16.80 -5.27
C LYS A 207 -4.82 15.88 -6.06
N VAL A 208 -5.18 14.59 -6.19
CA VAL A 208 -4.38 13.68 -7.00
C VAL A 208 -4.32 14.17 -8.44
N ALA A 209 -5.48 14.52 -9.01
CA ALA A 209 -5.52 15.00 -10.39
C ALA A 209 -4.61 16.22 -10.58
N GLN A 210 -4.65 17.18 -9.65
CA GLN A 210 -3.82 18.37 -9.82
C GLN A 210 -2.34 18.02 -9.73
N PHE A 211 -1.95 17.18 -8.77
CA PHE A 211 -0.57 16.74 -8.67
C PHE A 211 -0.07 16.11 -9.97
N LEU A 212 -0.95 15.37 -10.65
CA LEU A 212 -0.62 14.71 -11.91
C LEU A 212 -0.80 15.62 -13.11
N GLY A 213 -1.21 16.88 -12.91
CA GLY A 213 -1.40 17.79 -14.01
C GLY A 213 -2.58 17.49 -14.90
N GLN A 214 -3.56 16.75 -14.40
CA GLN A 214 -4.72 16.33 -15.19
C GLN A 214 -5.94 17.14 -14.78
N GLU A 215 -6.65 17.66 -15.76
CA GLU A 215 -7.88 18.38 -15.48
C GLU A 215 -9.06 17.43 -15.61
N LEU A 216 -9.97 17.50 -14.64
CA LEU A 216 -11.13 16.64 -14.60
C LEU A 216 -12.37 17.49 -14.79
N THR A 217 -13.22 17.09 -15.73
CA THR A 217 -14.57 17.62 -15.76
C THR A 217 -15.31 17.19 -14.50
N GLU A 218 -16.40 17.91 -14.19
CA GLU A 218 -17.24 17.50 -13.08
C GLU A 218 -17.80 16.10 -13.30
N VAL A 219 -18.12 15.76 -14.55
CA VAL A 219 -18.63 14.44 -14.86
C VAL A 219 -17.57 13.38 -14.58
N ALA A 220 -16.33 13.63 -15.00
CA ALA A 220 -15.27 12.64 -14.77
C ALA A 220 -14.96 12.50 -13.29
N LEU A 221 -14.99 13.60 -12.53
CA LEU A 221 -14.76 13.53 -11.09
C LEU A 221 -15.82 12.68 -10.41
N ASP A 222 -17.09 12.85 -10.80
CA ASP A 222 -18.16 12.06 -10.19
C ASP A 222 -18.05 10.60 -10.59
N ALA A 223 -17.66 10.32 -11.84
CA ALA A 223 -17.47 8.94 -12.27
C ALA A 223 -16.36 8.26 -11.48
N ILE A 224 -15.25 8.96 -11.24
CA ILE A 224 -14.15 8.35 -10.50
C ILE A 224 -14.57 8.10 -9.06
N ALA A 225 -15.25 9.07 -8.44
CA ALA A 225 -15.70 8.90 -7.07
C ALA A 225 -16.70 7.76 -6.95
N HIS A 226 -17.60 7.64 -7.92
CA HIS A 226 -18.56 6.53 -7.91
C HIS A 226 -17.86 5.19 -8.03
N HIS A 227 -16.83 5.10 -8.86
CA HIS A 227 -16.19 3.80 -9.06
C HIS A 227 -15.12 3.47 -8.04
N THR A 228 -14.75 4.41 -7.16
CA THR A 228 -13.74 4.12 -6.14
C THR A 228 -14.31 4.16 -4.72
N SER A 229 -15.63 4.04 -4.57
CA SER A 229 -16.18 3.76 -3.25
C SER A 229 -15.75 2.35 -2.81
N PHE A 230 -15.78 2.12 -1.50
CA PHE A 230 -15.46 0.79 -1.00
C PHE A 230 -16.38 -0.26 -1.62
N GLU A 231 -17.69 0.03 -1.66
CA GLU A 231 -18.63 -0.96 -2.17
C GLU A 231 -18.34 -1.28 -3.62
N ALA A 232 -18.01 -0.27 -4.42
CA ALA A 232 -17.70 -0.52 -5.84
C ALA A 232 -16.44 -1.35 -5.99
N MET A 233 -15.40 -1.02 -5.21
CA MET A 233 -14.13 -1.72 -5.38
C MET A 233 -14.20 -3.12 -4.78
N ARG A 234 -15.05 -3.30 -3.76
CA ARG A 234 -15.29 -4.63 -3.20
C ARG A 234 -15.92 -5.56 -4.22
N ASP A 235 -16.88 -5.05 -4.99
CA ASP A 235 -17.65 -5.87 -5.92
C ASP A 235 -17.05 -5.90 -7.32
N ASN A 236 -15.98 -5.14 -7.55
CA ASN A 236 -15.33 -5.10 -8.85
C ASN A 236 -14.24 -6.17 -8.92
N PRO A 237 -14.35 -7.16 -9.81
CA PRO A 237 -13.33 -8.22 -9.86
C PRO A 237 -11.97 -7.71 -10.27
N SER A 238 -11.91 -6.55 -10.93
CA SER A 238 -10.64 -5.98 -11.33
C SER A 238 -9.87 -5.37 -10.16
N THR A 239 -10.54 -5.04 -9.06
CA THR A 239 -9.89 -4.39 -7.93
C THR A 239 -9.92 -5.20 -6.63
N ASN A 240 -10.77 -6.22 -6.51
CA ASN A 240 -10.99 -6.86 -5.22
C ASN A 240 -10.09 -8.07 -4.99
N TYR A 241 -9.18 -8.38 -5.93
CA TYR A 241 -8.18 -9.42 -5.81
C TYR A 241 -8.76 -10.84 -5.82
N SER A 242 -10.04 -10.98 -6.16
CA SER A 242 -10.65 -12.30 -6.25
C SER A 242 -10.06 -13.14 -7.36
N THR A 243 -9.31 -12.53 -8.29
CA THR A 243 -8.67 -13.30 -9.35
C THR A 243 -7.33 -13.91 -8.92
N VAL A 244 -6.83 -13.57 -7.75
CA VAL A 244 -5.58 -14.17 -7.29
C VAL A 244 -5.84 -15.62 -6.90
N PRO A 245 -4.98 -16.56 -7.30
CA PRO A 245 -5.18 -17.98 -6.94
C PRO A 245 -5.35 -18.15 -5.43
N SER A 246 -6.23 -19.07 -5.05
CA SER A 246 -6.53 -19.29 -3.64
C SER A 246 -5.30 -19.78 -2.88
N HIS A 247 -4.39 -20.50 -3.54
CA HIS A 247 -3.19 -20.96 -2.84
C HIS A 247 -2.25 -19.81 -2.50
N LEU A 248 -2.45 -18.61 -3.03
CA LEU A 248 -1.70 -17.43 -2.62
C LEU A 248 -2.47 -16.54 -1.65
N MET A 249 -3.77 -16.30 -1.90
CA MET A 249 -4.64 -15.50 -1.03
C MET A 249 -5.91 -16.29 -0.77
N ASP A 250 -6.11 -16.72 0.48
CA ASP A 250 -7.34 -17.44 0.85
C ASP A 250 -8.41 -16.43 1.24
N HIS A 251 -9.23 -16.07 0.27
CA HIS A 251 -10.28 -15.09 0.47
C HIS A 251 -11.32 -15.55 1.49
N GLY A 252 -11.45 -16.85 1.72
CA GLY A 252 -12.36 -17.31 2.75
C GLY A 252 -11.92 -16.94 4.16
N VAL A 253 -10.62 -16.86 4.39
CA VAL A 253 -10.11 -16.50 5.71
C VAL A 253 -10.44 -15.05 6.03
N SER A 254 -10.15 -14.16 5.10
CA SER A 254 -10.42 -12.74 5.21
C SER A 254 -10.36 -12.17 3.80
N PRO A 255 -11.38 -11.45 3.35
CA PRO A 255 -11.32 -10.86 2.01
C PRO A 255 -10.38 -9.66 1.98
N PHE A 256 -9.79 -9.42 0.81
CA PHE A 256 -8.92 -8.26 0.66
C PHE A 256 -9.68 -6.97 0.93
N MET A 257 -10.85 -6.81 0.31
CA MET A 257 -11.70 -5.67 0.62
C MET A 257 -12.53 -6.06 1.82
N ARG A 258 -11.95 -5.80 3.00
CA ARG A 258 -12.43 -6.40 4.24
C ARG A 258 -13.60 -5.62 4.85
N LYS A 259 -13.36 -4.40 5.29
CA LYS A 259 -14.37 -3.53 5.90
C LYS A 259 -14.35 -2.12 5.33
N GLY A 260 -13.17 -1.59 5.04
CA GLY A 260 -13.05 -0.29 4.40
C GLY A 260 -13.54 0.90 5.20
N ILE A 261 -13.36 0.90 6.52
CA ILE A 261 -13.80 2.01 7.35
C ILE A 261 -12.61 2.57 8.11
N THR A 262 -12.84 3.72 8.74
CA THR A 262 -11.96 4.23 9.77
C THR A 262 -12.61 3.95 11.12
N GLY A 263 -11.85 3.36 12.03
CA GLY A 263 -12.35 3.05 13.34
C GLY A 263 -12.59 1.58 13.63
N ASP A 264 -12.29 0.67 12.69
CA ASP A 264 -12.44 -0.74 13.01
C ASP A 264 -11.53 -1.18 14.14
N TRP A 265 -10.49 -0.39 14.45
CA TRP A 265 -9.63 -0.75 15.57
C TRP A 265 -10.43 -0.89 16.87
N LYS A 266 -11.54 -0.17 17.00
CA LYS A 266 -12.33 -0.28 18.23
C LYS A 266 -12.95 -1.66 18.40
N ASN A 267 -13.13 -2.42 17.32
CA ASN A 267 -13.65 -3.78 17.39
C ASN A 267 -12.58 -4.84 17.61
N HIS A 268 -11.32 -4.45 17.72
CA HIS A 268 -10.23 -5.41 17.88
C HIS A 268 -9.29 -5.10 19.04
N PHE A 269 -8.94 -3.82 19.25
CA PHE A 269 -8.08 -3.50 20.40
C PHE A 269 -8.85 -3.73 21.69
N THR A 270 -8.25 -4.49 22.60
CA THR A 270 -8.83 -4.58 23.92
C THR A 270 -8.62 -3.27 24.67
N VAL A 271 -9.35 -3.12 25.77
CA VAL A 271 -9.18 -1.92 26.59
C VAL A 271 -7.72 -1.78 27.00
N ALA A 272 -7.09 -2.90 27.38
CA ALA A 272 -5.69 -2.88 27.82
C ALA A 272 -4.75 -2.58 26.65
N GLN A 273 -4.96 -3.24 25.51
CA GLN A 273 -4.11 -3.00 24.34
C GLN A 273 -4.18 -1.54 23.93
N ASN A 274 -5.39 -0.98 23.93
CA ASN A 274 -5.56 0.40 23.49
C ASN A 274 -4.81 1.37 24.39
N ALA A 275 -4.91 1.19 25.71
CA ALA A 275 -4.20 2.08 26.62
C ALA A 275 -2.70 1.97 26.43
N HIS A 276 -2.20 0.74 26.30
CA HIS A 276 -0.76 0.53 26.11
C HIS A 276 -0.30 1.11 24.78
N PHE A 277 -1.07 0.86 23.71
CA PHE A 277 -0.71 1.40 22.41
C PHE A 277 -0.68 2.92 22.45
N ASP A 278 -1.70 3.54 23.03
CA ASP A 278 -1.78 5.00 23.03
C ASP A 278 -0.57 5.60 23.74
N GLN A 279 -0.15 4.99 24.85
CA GLN A 279 0.99 5.51 25.58
C GLN A 279 2.28 5.39 24.78
N TYR A 280 2.48 4.27 24.09
CA TYR A 280 3.70 4.10 23.29
C TYR A 280 3.67 5.05 22.09
N TYR A 281 2.53 5.09 21.40
CA TYR A 281 2.40 5.95 20.21
C TYR A 281 2.78 7.39 20.54
N ALA A 282 2.27 7.91 21.67
CA ALA A 282 2.56 9.29 22.04
C ALA A 282 4.06 9.52 22.17
N GLN A 283 4.79 8.57 22.77
CA GLN A 283 6.24 8.70 22.84
C GLN A 283 6.88 8.67 21.47
N LYS A 284 6.48 7.71 20.64
CA LYS A 284 7.13 7.54 19.34
C LYS A 284 6.81 8.66 18.37
N MET A 285 5.70 9.36 18.56
CA MET A 285 5.27 10.37 17.61
C MET A 285 5.50 11.78 18.14
N ALA A 286 6.08 11.89 19.33
CA ALA A 286 6.48 13.19 19.83
C ALA A 286 7.61 13.73 18.96
N GLY A 287 7.58 15.02 18.69
CA GLY A 287 8.65 15.61 17.91
C GLY A 287 8.46 15.57 16.42
N THR A 288 7.32 15.09 15.92
CA THR A 288 6.89 15.36 14.56
C THR A 288 5.56 16.12 14.57
N ASP A 289 5.37 16.97 13.55
CA ASP A 289 4.07 17.60 13.37
C ASP A 289 3.08 16.73 12.60
N LEU A 290 3.53 15.59 12.08
CA LEU A 290 2.65 14.66 11.39
C LEU A 290 1.60 14.12 12.37
N ARG A 291 0.33 14.13 11.95
CA ARG A 291 -0.79 13.72 12.79
C ARG A 291 -1.75 12.86 11.99
N PHE A 292 -2.28 11.81 12.64
CA PHE A 292 -3.32 10.96 12.05
C PHE A 292 -4.57 11.01 12.93
N ARG A 293 -5.71 10.79 12.29
CA ARG A 293 -6.99 10.70 12.96
C ARG A 293 -7.39 9.24 13.10
N THR A 294 -7.87 8.87 14.28
CA THR A 294 -8.35 7.51 14.52
C THR A 294 -9.86 7.41 14.46
N GLU A 295 -10.54 8.54 14.35
CA GLU A 295 -11.98 8.58 14.18
C GLU A 295 -12.30 9.78 13.31
N ILE A 296 -13.34 9.65 12.51
CA ILE A 296 -13.87 10.80 11.78
C ILE A 296 -15.37 10.86 12.02
#